data_4I27
#
_entry.id   4I27
#
_cell.length_a   46.940
_cell.length_b   95.900
_cell.length_c   47.230
_cell.angle_alpha   90.00
_cell.angle_beta   107.75
_cell.angle_gamma   90.00
#
_symmetry.space_group_name_H-M   'P 1 21 1'
#
loop_
_entity.id
_entity.type
_entity.pdbx_description
1 polymer 'DNA nucleotidylexotransferase'
2 polymer "5'-D(*AP*AP*AP*AP*AP*T)-3'"
3 non-polymer 'MAGNESIUM ION'
4 non-polymer "2',3'-DIDEOXY-THYMIDINE-5'-TRIPHOSPHATE"
5 non-polymer 'SODIUM ION'
6 water water
#
loop_
_entity_poly.entity_id
_entity_poly.type
_entity_poly.pdbx_seq_one_letter_code
_entity_poly.pdbx_strand_id
1 'polypeptide(L)'
;MGSSHHHHHHSSGLVPRGSHMSPSPVPGSQNVPAPAVKKISQYACQRRTTLNNYNQLFTDALDILAENDELRENEGSCLA
FMRASSVLKSLPFPITSMKDTEGIPCLGDKVKSIIEGIIEDGESSEAKAVLNDERYKSFKLFTSVFGVGLKTAEKWFRMG
FRTLSKIQSDKSLRFTQMQKAGFLYYEDLVSCVNRPEAEAVSMLVKEAVVTFLPDALVTMTGGFRRGKMTGHDVDFLITS
PEATEDEEQQLLHKVTDFWKQQGLLLYCDILESTFEKFKQPSRKVDALDHFQKCFLILKLDHGRVHSEKSGQQEGKGWKA
IRVDLVMCPYDRRAFALLGWTGSRQFERDLRRYATHERKMMLDNHALYDRTKRVFLEAESEEEIFAHLGLDYIEPWERNA
;
A
2 'polydeoxyribonucleotide' (DA)(DA)(DA)(DA)(DA)(2DT) C
#
# COMPACT_ATOMS: atom_id res chain seq x y z
N ALA A 36 21.03 -9.10 23.86
CA ALA A 36 19.82 -9.21 24.68
C ALA A 36 18.57 -9.59 23.85
N VAL A 37 18.45 -9.08 22.61
CA VAL A 37 17.31 -9.34 21.73
C VAL A 37 17.30 -10.75 21.15
N LYS A 38 16.09 -11.37 21.09
CA LYS A 38 15.81 -12.72 20.58
C LYS A 38 16.17 -12.80 19.09
N LYS A 39 16.40 -14.03 18.54
CA LYS A 39 16.80 -14.31 17.13
C LYS A 39 15.86 -13.64 16.16
N ILE A 40 16.40 -12.99 15.12
CA ILE A 40 15.55 -12.27 14.19
C ILE A 40 15.23 -13.15 13.00
N SER A 41 13.93 -13.33 12.74
CA SER A 41 13.45 -14.13 11.61
C SER A 41 13.66 -13.40 10.29
N GLN A 42 13.89 -14.19 9.21
CA GLN A 42 14.07 -13.66 7.86
C GLN A 42 12.70 -13.21 7.30
N TYR A 43 11.61 -13.62 7.98
CA TYR A 43 10.24 -13.34 7.57
C TYR A 43 9.65 -12.19 8.36
N ALA A 44 9.13 -11.17 7.64
CA ALA A 44 8.47 -9.99 8.22
C ALA A 44 7.26 -10.39 9.04
N CYS A 45 6.58 -11.48 8.63
CA CYS A 45 5.42 -12.01 9.36
C CYS A 45 5.82 -12.67 10.72
N GLN A 46 7.12 -12.79 11.01
CA GLN A 46 7.62 -13.33 12.27
C GLN A 46 8.39 -12.22 13.05
N ARG A 47 8.21 -10.96 12.63
CA ARG A 47 8.81 -9.79 13.28
C ARG A 47 7.73 -8.81 13.62
N ARG A 48 7.96 -8.01 14.68
CA ARG A 48 7.07 -6.94 15.13
C ARG A 48 7.72 -5.64 14.67
N THR A 49 7.06 -4.94 13.74
CA THR A 49 7.60 -3.74 13.15
C THR A 49 6.66 -2.56 13.41
N THR A 50 7.03 -1.74 14.40
CA THR A 50 6.27 -0.55 14.80
C THR A 50 6.85 0.68 14.06
N LEU A 51 6.13 1.81 14.05
CA LEU A 51 6.53 2.99 13.27
C LEU A 51 7.73 3.77 13.84
N ASN A 52 8.21 3.39 15.03
CA ASN A 52 9.34 4.03 15.62
C ASN A 52 10.64 3.39 15.05
N ASN A 53 11.02 3.90 13.89
CA ASN A 53 12.20 3.45 13.15
C ASN A 53 13.45 4.17 13.62
N TYR A 54 14.36 3.42 14.25
CA TYR A 54 15.64 3.92 14.79
C TYR A 54 16.75 3.90 13.73
N ASN A 55 16.44 3.36 12.55
CA ASN A 55 17.42 3.19 11.48
C ASN A 55 17.02 3.86 10.17
N GLN A 56 16.34 5.02 10.24
CA GLN A 56 15.88 5.78 9.07
C GLN A 56 17.02 6.22 8.11
N LEU A 57 18.23 6.50 8.64
CA LEU A 57 19.37 6.84 7.82
C LEU A 57 19.71 5.69 6.84
N PHE A 58 19.67 4.43 7.33
CA PHE A 58 19.95 3.23 6.56
C PHE A 58 18.78 2.85 5.65
N THR A 59 17.57 2.85 6.19
CA THR A 59 16.33 2.45 5.55
C THR A 59 15.95 3.35 4.38
N ASP A 60 16.09 4.69 4.55
CA ASP A 60 15.81 5.66 3.47
C ASP A 60 16.71 5.40 2.24
N ALA A 61 18.01 5.07 2.49
CA ALA A 61 18.98 4.80 1.43
C ALA A 61 18.65 3.48 0.74
N LEU A 62 18.34 2.42 1.52
CA LEU A 62 17.98 1.10 0.97
C LEU A 62 16.67 1.13 0.19
N ASP A 63 15.71 1.98 0.59
CA ASP A 63 14.42 2.18 -0.07
C ASP A 63 14.62 2.84 -1.42
N ILE A 64 15.57 3.81 -1.50
CA ILE A 64 15.92 4.52 -2.74
C ILE A 64 16.53 3.51 -3.73
N LEU A 65 17.47 2.67 -3.24
CA LEU A 65 18.15 1.67 -4.04
C LEU A 65 17.17 0.58 -4.54
N ALA A 66 16.18 0.17 -3.69
CA ALA A 66 15.14 -0.80 -4.05
C ALA A 66 14.23 -0.25 -5.15
N GLU A 67 13.71 0.98 -4.96
CA GLU A 67 12.86 1.74 -5.89
C GLU A 67 13.51 1.90 -7.30
N ASN A 68 14.85 2.06 -7.34
CA ASN A 68 15.65 2.19 -8.57
C ASN A 68 15.67 0.88 -9.38
N ASP A 69 16.01 -0.25 -8.75
CA ASP A 69 15.99 -1.60 -9.37
C ASP A 69 14.59 -1.99 -9.83
N GLU A 70 13.55 -1.56 -9.09
CA GLU A 70 12.14 -1.77 -9.39
C GLU A 70 11.73 -1.04 -10.69
N LEU A 71 12.14 0.25 -10.86
CA LEU A 71 11.83 1.04 -12.06
C LEU A 71 12.63 0.55 -13.30
N ARG A 72 13.78 -0.07 -13.05
CA ARG A 72 14.70 -0.67 -14.03
C ARG A 72 14.31 -2.15 -14.25
N GLU A 73 13.33 -2.64 -13.47
CA GLU A 73 12.73 -3.98 -13.50
C GLU A 73 13.71 -5.12 -13.17
N ASN A 74 14.55 -4.87 -12.14
CA ASN A 74 15.48 -5.85 -11.59
C ASN A 74 14.82 -6.38 -10.31
N GLU A 75 14.04 -7.47 -10.41
CA GLU A 75 13.26 -7.98 -9.27
C GLU A 75 14.11 -8.45 -8.07
N GLY A 76 15.05 -9.37 -8.29
CA GLY A 76 15.93 -9.94 -7.26
C GLY A 76 16.86 -9.02 -6.51
N SER A 77 17.40 -7.96 -7.15
CA SER A 77 18.30 -7.01 -6.49
C SER A 77 17.49 -6.04 -5.60
N CYS A 78 16.34 -5.61 -6.13
CA CYS A 78 15.35 -4.78 -5.45
C CYS A 78 14.80 -5.57 -4.27
N LEU A 79 14.57 -6.87 -4.45
CA LEU A 79 14.07 -7.77 -3.43
C LEU A 79 15.05 -7.84 -2.26
N ALA A 80 16.37 -7.91 -2.56
CA ALA A 80 17.42 -7.96 -1.54
C ALA A 80 17.45 -6.67 -0.70
N PHE A 81 17.29 -5.49 -1.34
CA PHE A 81 17.28 -4.19 -0.66
C PHE A 81 16.01 -4.00 0.18
N MET A 82 14.85 -4.48 -0.34
CA MET A 82 13.57 -4.41 0.35
C MET A 82 13.57 -5.24 1.62
N ARG A 83 14.15 -6.44 1.57
CA ARG A 83 14.21 -7.34 2.72
C ARG A 83 15.16 -6.77 3.79
N ALA A 84 16.28 -6.16 3.37
CA ALA A 84 17.29 -5.56 4.25
C ALA A 84 16.71 -4.36 4.94
N SER A 85 16.00 -3.50 4.16
CA SER A 85 15.35 -2.31 4.69
C SER A 85 14.32 -2.71 5.75
N SER A 86 13.53 -3.76 5.44
CA SER A 86 12.48 -4.31 6.27
C SER A 86 13.02 -4.79 7.63
N VAL A 87 14.11 -5.57 7.64
CA VAL A 87 14.70 -6.12 8.88
C VAL A 87 15.18 -4.98 9.80
N LEU A 88 15.82 -3.92 9.21
CA LEU A 88 16.34 -2.78 9.97
C LEU A 88 15.22 -1.98 10.61
N LYS A 89 14.05 -1.91 9.96
CA LYS A 89 12.87 -1.22 10.48
C LYS A 89 12.33 -1.90 11.76
N SER A 90 12.54 -3.23 11.90
CA SER A 90 12.09 -4.03 13.03
C SER A 90 12.98 -3.90 14.28
N LEU A 91 14.20 -3.35 14.11
CA LEU A 91 15.16 -3.23 15.22
C LEU A 91 14.70 -2.23 16.30
N PRO A 92 14.86 -2.60 17.59
CA PRO A 92 14.49 -1.67 18.68
C PRO A 92 15.60 -0.68 19.05
N PHE A 93 16.69 -0.64 18.26
CA PHE A 93 17.84 0.20 18.53
C PHE A 93 18.49 0.66 17.22
N PRO A 94 19.19 1.85 17.21
CA PRO A 94 19.90 2.25 15.98
C PRO A 94 21.22 1.50 15.81
N ILE A 95 21.58 1.15 14.56
CA ILE A 95 22.89 0.57 14.24
C ILE A 95 23.90 1.72 14.38
N THR A 96 24.93 1.55 15.25
CA THR A 96 25.93 2.60 15.45
C THR A 96 27.37 2.07 15.13
N SER A 97 27.50 0.76 14.80
CA SER A 97 28.75 0.11 14.42
C SER A 97 28.47 -1.16 13.61
N MET A 98 29.49 -1.70 12.92
CA MET A 98 29.31 -2.89 12.11
C MET A 98 29.09 -4.14 12.96
N LYS A 99 29.51 -4.12 14.24
CA LYS A 99 29.29 -5.23 15.16
C LYS A 99 27.78 -5.36 15.48
N ASP A 100 27.00 -4.27 15.40
CA ASP A 100 25.56 -4.29 15.64
C ASP A 100 24.80 -5.06 14.55
N THR A 101 25.43 -5.26 13.36
CA THR A 101 24.82 -5.96 12.22
C THR A 101 24.92 -7.52 12.35
N GLU A 102 25.70 -8.00 13.34
CA GLU A 102 25.91 -9.42 13.65
C GLU A 102 24.61 -10.13 14.04
N GLY A 103 24.35 -11.24 13.36
CA GLY A 103 23.19 -12.08 13.62
C GLY A 103 21.90 -11.57 13.01
N ILE A 104 21.98 -10.46 12.21
CA ILE A 104 20.81 -9.90 11.55
C ILE A 104 20.71 -10.56 10.17
N PRO A 105 19.58 -11.22 9.84
CA PRO A 105 19.48 -11.85 8.51
C PRO A 105 19.18 -10.83 7.44
N CYS A 106 19.25 -11.25 6.16
CA CYS A 106 18.93 -10.43 4.98
C CYS A 106 19.91 -9.23 4.78
N LEU A 107 21.08 -9.27 5.41
CA LEU A 107 22.11 -8.25 5.26
C LEU A 107 23.29 -8.88 4.56
N GLY A 108 23.28 -8.82 3.24
CA GLY A 108 24.37 -9.42 2.47
C GLY A 108 25.58 -8.52 2.45
N ASP A 109 26.61 -8.93 1.69
CA ASP A 109 27.88 -8.18 1.57
C ASP A 109 27.66 -6.80 0.99
N LYS A 110 26.84 -6.70 -0.08
CA LYS A 110 26.51 -5.43 -0.76
C LYS A 110 25.80 -4.47 0.20
N VAL A 111 24.80 -4.96 0.96
CA VAL A 111 24.02 -4.15 1.90
C VAL A 111 24.95 -3.67 3.05
N LYS A 112 25.84 -4.57 3.58
CA LYS A 112 26.75 -4.23 4.67
C LYS A 112 27.77 -3.15 4.29
N SER A 113 28.18 -3.07 3.00
CA SER A 113 29.09 -2.02 2.54
C SER A 113 28.36 -0.66 2.55
N ILE A 114 27.03 -0.64 2.20
CA ILE A 114 26.20 0.57 2.21
C ILE A 114 26.05 1.04 3.66
N ILE A 115 25.77 0.10 4.62
CA ILE A 115 25.62 0.38 6.06
C ILE A 115 26.93 1.03 6.55
N GLU A 116 28.08 0.42 6.21
CA GLU A 116 29.43 0.86 6.58
C GLU A 116 29.70 2.32 6.16
N GLY A 117 29.34 2.65 4.93
CA GLY A 117 29.47 3.99 4.38
C GLY A 117 28.60 5.03 5.06
N ILE A 118 27.40 4.63 5.52
CA ILE A 118 26.47 5.52 6.21
C ILE A 118 26.99 5.77 7.65
N ILE A 119 27.52 4.73 8.33
CA ILE A 119 28.13 4.87 9.68
C ILE A 119 29.31 5.88 9.62
N GLU A 120 30.10 5.79 8.54
CA GLU A 120 31.27 6.62 8.25
C GLU A 120 30.97 8.15 8.23
N ASP A 121 29.96 8.62 7.46
CA ASP A 121 29.68 10.06 7.43
C ASP A 121 28.19 10.45 7.44
N GLY A 122 27.31 9.51 7.73
CA GLY A 122 25.87 9.78 7.78
C GLY A 122 25.16 9.82 6.44
N GLU A 123 25.87 9.56 5.35
CA GLU A 123 25.27 9.56 4.02
C GLU A 123 25.70 8.37 3.18
N SER A 124 24.83 8.01 2.21
CA SER A 124 25.04 6.94 1.25
C SER A 124 25.40 7.56 -0.11
N SER A 125 26.64 7.33 -0.56
CA SER A 125 27.11 7.76 -1.86
C SER A 125 26.35 7.01 -2.97
N GLU A 126 25.98 5.74 -2.73
CA GLU A 126 25.24 4.90 -3.68
C GLU A 126 23.83 5.45 -3.88
N ALA A 127 23.10 5.80 -2.78
CA ALA A 127 21.74 6.36 -2.87
C ALA A 127 21.78 7.74 -3.54
N LYS A 128 22.81 8.56 -3.22
CA LYS A 128 23.00 9.91 -3.78
C LYS A 128 23.21 9.89 -5.34
N ALA A 129 23.92 8.88 -5.83
CA ALA A 129 24.17 8.66 -7.24
C ALA A 129 22.85 8.26 -7.95
N VAL A 130 21.99 7.50 -7.25
CA VAL A 130 20.69 7.08 -7.77
C VAL A 130 19.81 8.31 -7.86
N LEU A 131 19.82 9.17 -6.80
CA LEU A 131 19.03 10.40 -6.75
C LEU A 131 19.41 11.38 -7.85
N ASN A 132 20.67 11.30 -8.35
CA ASN A 132 21.14 12.18 -9.43
C ASN A 132 21.01 11.52 -10.81
N ASP A 133 20.59 10.25 -10.85
CA ASP A 133 20.42 9.52 -12.11
C ASP A 133 19.21 10.04 -12.87
N GLU A 134 19.39 10.30 -14.18
CA GLU A 134 18.34 10.84 -15.06
C GLU A 134 17.16 9.90 -15.21
N ARG A 135 17.41 8.58 -15.32
CA ARG A 135 16.32 7.61 -15.41
C ARG A 135 15.49 7.62 -14.11
N TYR A 136 16.15 7.58 -12.94
CA TYR A 136 15.48 7.56 -11.63
C TYR A 136 14.57 8.78 -11.46
N LYS A 137 15.12 10.00 -11.61
CA LYS A 137 14.38 11.26 -11.47
C LYS A 137 13.12 11.25 -12.34
N SER A 138 13.27 10.85 -13.62
CA SER A 138 12.17 10.83 -14.59
C SER A 138 11.12 9.79 -14.28
N PHE A 139 11.55 8.59 -13.88
CA PHE A 139 10.62 7.51 -13.57
C PHE A 139 9.83 7.85 -12.31
N LYS A 140 10.48 8.40 -11.25
CA LYS A 140 9.79 8.83 -10.02
C LYS A 140 8.78 9.91 -10.33
N LEU A 141 9.20 10.91 -11.10
CA LEU A 141 8.37 12.03 -11.53
C LEU A 141 7.16 11.59 -12.35
N PHE A 142 7.37 10.77 -13.42
CA PHE A 142 6.29 10.32 -14.29
C PHE A 142 5.32 9.39 -13.58
N THR A 143 5.81 8.42 -12.79
CA THR A 143 4.93 7.47 -12.07
C THR A 143 4.20 8.12 -10.87
N SER A 144 4.57 9.35 -10.46
CA SER A 144 3.89 10.08 -9.39
C SER A 144 2.53 10.61 -9.91
N VAL A 145 2.31 10.52 -11.23
CA VAL A 145 1.06 10.94 -11.89
C VAL A 145 0.11 9.74 -11.81
N PHE A 146 -1.10 9.94 -11.29
CA PHE A 146 -2.13 8.90 -11.20
C PHE A 146 -2.51 8.52 -12.63
N GLY A 147 -2.35 7.24 -12.97
CA GLY A 147 -2.64 6.74 -14.31
C GLY A 147 -1.40 6.44 -15.13
N VAL A 148 -0.22 6.72 -14.54
CA VAL A 148 1.06 6.51 -15.17
C VAL A 148 1.86 5.45 -14.39
N GLY A 149 2.12 4.35 -15.06
CA GLY A 149 2.87 3.21 -14.53
C GLY A 149 4.23 3.10 -15.19
N LEU A 150 4.92 1.96 -15.01
CA LEU A 150 6.25 1.73 -15.54
C LEU A 150 6.36 1.81 -17.05
N LYS A 151 5.36 1.26 -17.77
CA LYS A 151 5.32 1.22 -19.23
C LYS A 151 5.24 2.62 -19.83
N THR A 152 4.33 3.48 -19.32
CA THR A 152 4.14 4.84 -19.83
C THR A 152 5.34 5.74 -19.45
N ALA A 153 5.88 5.61 -18.23
CA ALA A 153 7.08 6.36 -17.78
C ALA A 153 8.27 6.07 -18.72
N GLU A 154 8.44 4.79 -19.08
CA GLU A 154 9.48 4.28 -19.97
C GLU A 154 9.29 4.83 -21.38
N LYS A 155 8.03 4.81 -21.89
CA LYS A 155 7.67 5.34 -23.18
C LYS A 155 8.09 6.81 -23.27
N TRP A 156 7.71 7.64 -22.28
CA TRP A 156 8.01 9.07 -22.23
C TRP A 156 9.52 9.35 -22.07
N PHE A 157 10.23 8.58 -21.22
CA PHE A 157 11.66 8.74 -21.05
C PHE A 157 12.40 8.46 -22.37
N ARG A 158 12.07 7.36 -23.06
CA ARG A 158 12.67 6.93 -24.34
C ARG A 158 12.32 7.92 -25.47
N MET A 159 11.26 8.75 -25.30
CA MET A 159 10.86 9.79 -26.25
C MET A 159 11.67 11.10 -26.03
N GLY A 160 12.42 11.15 -24.94
CA GLY A 160 13.26 12.28 -24.57
C GLY A 160 12.67 13.24 -23.55
N PHE A 161 11.48 12.90 -23.00
CA PHE A 161 10.83 13.75 -22.01
C PHE A 161 11.49 13.58 -20.65
N ARG A 162 11.63 14.69 -19.90
CA ARG A 162 12.26 14.68 -18.58
C ARG A 162 11.41 15.41 -17.55
N THR A 163 10.44 16.24 -17.99
CA THR A 163 9.57 17.04 -17.12
C THR A 163 8.13 16.86 -17.48
N LEU A 164 7.25 17.02 -16.46
CA LEU A 164 5.79 16.89 -16.65
C LEU A 164 5.24 18.04 -17.50
N SER A 165 5.84 19.24 -17.42
CA SER A 165 5.43 20.43 -18.18
C SER A 165 5.49 20.13 -19.67
N LYS A 166 6.58 19.52 -20.14
CA LYS A 166 6.77 19.19 -21.55
C LYS A 166 5.84 18.06 -22.03
N ILE A 167 5.48 17.11 -21.13
CA ILE A 167 4.55 16.02 -21.43
C ILE A 167 3.13 16.58 -21.62
N GLN A 168 2.64 17.34 -20.61
CA GLN A 168 1.30 17.95 -20.59
C GLN A 168 1.04 18.88 -21.80
N SER A 169 2.06 19.64 -22.23
CA SER A 169 1.90 20.61 -23.30
C SER A 169 2.19 20.03 -24.70
N ASP A 170 2.65 18.76 -24.78
CA ASP A 170 2.93 18.09 -26.07
C ASP A 170 1.63 17.86 -26.85
N LYS A 171 1.66 18.15 -28.16
CA LYS A 171 0.50 18.07 -29.05
C LYS A 171 0.27 16.68 -29.68
N SER A 172 1.29 15.79 -29.67
CA SER A 172 1.16 14.46 -30.28
C SER A 172 0.74 13.39 -29.27
N LEU A 173 0.98 13.60 -27.96
CA LEU A 173 0.65 12.63 -26.92
C LEU A 173 -0.88 12.55 -26.68
N ARG A 174 -1.37 11.33 -26.40
CA ARG A 174 -2.77 11.05 -26.09
C ARG A 174 -2.86 10.51 -24.66
N PHE A 175 -3.78 11.05 -23.84
CA PHE A 175 -3.84 10.64 -22.44
C PHE A 175 -5.09 9.85 -22.13
N THR A 176 -4.96 8.87 -21.24
CA THR A 176 -6.10 8.09 -20.77
C THR A 176 -6.89 9.01 -19.82
N GLN A 177 -8.16 8.66 -19.54
CA GLN A 177 -9.01 9.46 -18.66
C GLN A 177 -8.44 9.49 -17.22
N MET A 178 -7.75 8.40 -16.80
CA MET A 178 -7.07 8.29 -15.50
C MET A 178 -5.91 9.29 -15.45
N GLN A 179 -5.10 9.39 -16.55
CA GLN A 179 -3.95 10.30 -16.67
C GLN A 179 -4.40 11.77 -16.70
N LYS A 180 -5.54 12.06 -17.32
CA LYS A 180 -6.11 13.41 -17.36
C LYS A 180 -6.45 13.86 -15.93
N ALA A 181 -7.06 12.95 -15.11
CA ALA A 181 -7.41 13.19 -13.70
C ALA A 181 -6.13 13.34 -12.88
N GLY A 182 -5.14 12.50 -13.17
CA GLY A 182 -3.82 12.53 -12.57
C GLY A 182 -3.14 13.87 -12.73
N PHE A 183 -3.22 14.45 -13.95
CA PHE A 183 -2.64 15.77 -14.25
C PHE A 183 -3.50 16.89 -13.68
N LEU A 184 -4.86 16.77 -13.73
CA LEU A 184 -5.79 17.80 -13.24
C LEU A 184 -5.71 18.03 -11.72
N TYR A 185 -5.57 16.95 -10.96
CA TYR A 185 -5.56 17.04 -9.50
C TYR A 185 -4.17 16.73 -8.90
N TYR A 186 -3.11 16.76 -9.75
CA TYR A 186 -1.71 16.43 -9.41
C TYR A 186 -1.20 16.98 -8.05
N GLU A 187 -1.29 18.32 -7.82
CA GLU A 187 -0.79 18.98 -6.60
C GLU A 187 -1.37 18.37 -5.31
N ASP A 188 -2.71 18.16 -5.28
CA ASP A 188 -3.44 17.58 -4.16
C ASP A 188 -3.06 16.11 -3.96
N LEU A 189 -2.98 15.35 -5.07
CA LEU A 189 -2.64 13.93 -5.03
C LEU A 189 -1.20 13.68 -4.62
N VAL A 190 -0.27 14.56 -5.02
CA VAL A 190 1.15 14.40 -4.69
C VAL A 190 1.39 14.80 -3.19
N SER A 191 0.48 15.59 -2.59
CA SER A 191 0.46 15.96 -1.17
C SER A 191 -0.08 14.78 -0.44
N CYS A 192 0.64 14.24 0.52
CA CYS A 192 0.12 13.03 1.17
C CYS A 192 -1.07 13.33 2.11
N VAL A 193 -2.06 12.39 2.13
CA VAL A 193 -3.25 12.43 2.99
C VAL A 193 -2.82 12.31 4.44
N ASN A 194 -3.39 13.14 5.34
CA ASN A 194 -3.08 13.03 6.75
C ASN A 194 -4.25 12.37 7.49
N ARG A 195 -4.06 12.04 8.80
CA ARG A 195 -5.07 11.34 9.63
C ARG A 195 -6.39 12.13 9.73
N PRO A 196 -6.43 13.46 10.03
CA PRO A 196 -7.74 14.15 10.08
C PRO A 196 -8.51 14.00 8.76
N GLU A 197 -7.78 14.00 7.61
CA GLU A 197 -8.37 13.81 6.29
C GLU A 197 -8.88 12.39 6.13
N ALA A 198 -8.08 11.37 6.52
CA ALA A 198 -8.49 9.95 6.41
C ALA A 198 -9.72 9.66 7.23
N GLU A 199 -9.79 10.23 8.45
CA GLU A 199 -10.93 10.08 9.35
C GLU A 199 -12.17 10.75 8.79
N ALA A 200 -12.02 11.94 8.15
CA ALA A 200 -13.11 12.67 7.49
C ALA A 200 -13.66 11.82 6.35
N VAL A 201 -12.78 11.14 5.58
CA VAL A 201 -13.16 10.27 4.47
C VAL A 201 -13.90 9.03 5.04
N SER A 202 -13.40 8.44 6.16
CA SER A 202 -14.04 7.29 6.83
C SER A 202 -15.49 7.59 7.18
N MET A 203 -15.76 8.78 7.72
CA MET A 203 -17.09 9.23 8.08
C MET A 203 -17.99 9.32 6.85
N LEU A 204 -17.47 9.86 5.72
CA LEU A 204 -18.18 9.98 4.46
C LEU A 204 -18.52 8.61 3.90
N VAL A 205 -17.56 7.67 3.93
CA VAL A 205 -17.75 6.32 3.42
C VAL A 205 -18.83 5.60 4.26
N LYS A 206 -18.70 5.65 5.59
CA LYS A 206 -19.63 4.99 6.50
C LYS A 206 -21.06 5.52 6.35
N GLU A 207 -21.23 6.86 6.25
CA GLU A 207 -22.55 7.49 6.06
C GLU A 207 -23.18 7.09 4.70
N ALA A 208 -22.36 6.94 3.66
CA ALA A 208 -22.80 6.53 2.31
C ALA A 208 -23.21 5.05 2.30
N VAL A 209 -22.36 4.16 2.86
CA VAL A 209 -22.59 2.72 2.86
C VAL A 209 -23.78 2.33 3.73
N VAL A 210 -23.92 2.93 4.92
CA VAL A 210 -25.00 2.62 5.89
C VAL A 210 -26.38 3.04 5.32
N THR A 211 -26.42 4.04 4.39
CA THR A 211 -27.61 4.52 3.70
C THR A 211 -28.26 3.37 2.89
N PHE A 212 -27.43 2.51 2.23
CA PHE A 212 -27.92 1.42 1.39
C PHE A 212 -27.85 0.04 2.07
N LEU A 213 -26.84 -0.20 2.94
CA LEU A 213 -26.72 -1.44 3.69
C LEU A 213 -26.51 -1.12 5.16
N PRO A 214 -27.59 -0.99 5.98
CA PRO A 214 -27.38 -0.67 7.41
C PRO A 214 -26.59 -1.70 8.19
N ASP A 215 -26.57 -2.99 7.72
CA ASP A 215 -25.85 -4.09 8.40
C ASP A 215 -24.36 -4.21 7.97
N ALA A 216 -23.91 -3.37 7.02
CA ALA A 216 -22.53 -3.42 6.49
C ALA A 216 -21.45 -3.03 7.49
N LEU A 217 -20.30 -3.72 7.38
CA LEU A 217 -19.12 -3.46 8.18
C LEU A 217 -18.13 -2.74 7.31
N VAL A 218 -17.73 -1.53 7.71
CA VAL A 218 -16.77 -0.68 6.97
C VAL A 218 -15.51 -0.53 7.82
N THR A 219 -14.38 -0.96 7.25
CA THR A 219 -13.10 -0.91 7.94
C THR A 219 -12.08 -0.21 7.09
N MET A 220 -11.44 0.84 7.66
CA MET A 220 -10.31 1.53 7.04
C MET A 220 -9.16 0.56 7.09
N THR A 221 -8.56 0.30 5.92
CA THR A 221 -7.43 -0.61 5.84
C THR A 221 -6.18 0.22 5.49
N GLY A 222 -5.19 -0.43 4.85
CA GLY A 222 -3.93 0.21 4.47
C GLY A 222 -3.12 0.73 5.63
N GLY A 223 -2.27 1.69 5.33
CA GLY A 223 -1.38 2.34 6.27
C GLY A 223 -2.04 2.94 7.49
N PHE A 224 -3.20 3.59 7.31
CA PHE A 224 -3.89 4.23 8.43
C PHE A 224 -4.33 3.21 9.48
N ARG A 225 -4.70 1.96 9.09
CA ARG A 225 -5.05 0.89 10.04
C ARG A 225 -3.78 0.45 10.85
N ARG A 226 -2.56 0.58 10.25
CA ARG A 226 -1.29 0.21 10.86
C ARG A 226 -0.74 1.30 11.76
N GLY A 227 -1.52 2.38 11.94
CA GLY A 227 -1.21 3.54 12.79
C GLY A 227 -0.44 4.67 12.14
N LYS A 228 -0.31 4.64 10.80
CA LYS A 228 0.43 5.68 10.05
C LYS A 228 -0.23 7.04 10.13
N MET A 229 0.59 8.10 10.15
CA MET A 229 0.04 9.46 10.22
C MET A 229 -0.19 10.03 8.80
N THR A 230 0.37 9.39 7.75
CA THR A 230 0.17 9.82 6.35
C THR A 230 -0.07 8.61 5.43
N GLY A 231 -0.42 8.91 4.17
CA GLY A 231 -0.68 7.93 3.12
C GLY A 231 -0.89 8.60 1.77
N HIS A 232 -0.75 7.83 0.67
CA HIS A 232 -0.94 8.34 -0.69
C HIS A 232 -2.44 8.30 -1.04
N ASP A 233 -3.20 7.55 -0.22
CA ASP A 233 -4.65 7.39 -0.36
C ASP A 233 -5.26 6.88 0.92
N VAL A 234 -6.57 6.57 0.88
CA VAL A 234 -7.34 5.97 1.99
C VAL A 234 -8.04 4.70 1.45
N ASP A 235 -7.87 3.57 2.13
CA ASP A 235 -8.46 2.28 1.73
C ASP A 235 -9.53 1.81 2.70
N PHE A 236 -10.57 1.17 2.18
CA PHE A 236 -11.67 0.62 2.96
C PHE A 236 -12.06 -0.78 2.45
N LEU A 237 -12.50 -1.61 3.39
CA LEU A 237 -13.06 -2.92 3.13
C LEU A 237 -14.50 -2.87 3.61
N ILE A 238 -15.42 -3.24 2.72
CA ILE A 238 -16.85 -3.25 2.99
C ILE A 238 -17.35 -4.70 2.86
N THR A 239 -18.14 -5.17 3.82
CA THR A 239 -18.76 -6.51 3.77
C THR A 239 -20.11 -6.46 4.49
N SER A 240 -21.05 -7.36 4.11
CA SER A 240 -22.38 -7.41 4.70
C SER A 240 -22.80 -8.86 5.03
N PRO A 241 -23.14 -9.15 6.29
CA PRO A 241 -23.56 -10.52 6.64
C PRO A 241 -24.87 -11.01 6.00
N GLU A 242 -25.83 -10.11 5.74
CA GLU A 242 -27.14 -10.53 5.23
C GLU A 242 -27.53 -10.01 3.83
N ALA A 243 -26.64 -9.26 3.14
CA ALA A 243 -26.91 -8.75 1.80
C ALA A 243 -27.10 -9.90 0.81
N THR A 244 -28.00 -9.72 -0.15
CA THR A 244 -28.25 -10.67 -1.23
C THR A 244 -27.06 -10.53 -2.20
N GLU A 245 -26.94 -11.45 -3.18
CA GLU A 245 -25.88 -11.38 -4.20
C GLU A 245 -25.94 -10.06 -4.97
N ASP A 246 -27.17 -9.56 -5.21
CA ASP A 246 -27.45 -8.33 -5.93
C ASP A 246 -27.12 -7.09 -5.14
N GLU A 247 -27.54 -7.03 -3.85
CA GLU A 247 -27.27 -5.90 -2.95
C GLU A 247 -25.77 -5.68 -2.80
N GLU A 248 -25.00 -6.79 -2.73
CA GLU A 248 -23.56 -6.75 -2.58
C GLU A 248 -22.86 -6.37 -3.93
N GLN A 249 -23.48 -6.66 -5.05
CA GLN A 249 -22.92 -6.25 -6.34
C GLN A 249 -23.24 -4.76 -6.60
N GLN A 250 -24.44 -4.32 -6.17
CA GLN A 250 -24.95 -2.98 -6.42
C GLN A 250 -24.43 -1.90 -5.48
N LEU A 251 -23.92 -2.27 -4.29
CA LEU A 251 -23.51 -1.29 -3.27
C LEU A 251 -22.51 -0.24 -3.74
N LEU A 252 -21.38 -0.66 -4.37
CA LEU A 252 -20.37 0.32 -4.84
C LEU A 252 -20.97 1.28 -5.89
N HIS A 253 -21.90 0.80 -6.73
CA HIS A 253 -22.60 1.63 -7.72
C HIS A 253 -23.52 2.64 -7.02
N LYS A 254 -24.23 2.23 -5.94
CA LYS A 254 -25.14 3.10 -5.18
C LYS A 254 -24.41 4.22 -4.46
N VAL A 255 -23.27 3.88 -3.81
CA VAL A 255 -22.42 4.80 -3.04
C VAL A 255 -21.74 5.84 -3.95
N THR A 256 -21.21 5.41 -5.11
CA THR A 256 -20.56 6.31 -6.08
C THR A 256 -21.59 7.20 -6.78
N ASP A 257 -22.82 6.71 -7.01
CA ASP A 257 -23.90 7.51 -7.61
C ASP A 257 -24.33 8.59 -6.62
N PHE A 258 -24.38 8.22 -5.32
CA PHE A 258 -24.75 9.10 -4.23
C PHE A 258 -23.74 10.24 -4.16
N TRP A 259 -22.43 9.94 -4.30
CA TRP A 259 -21.39 10.96 -4.30
C TRP A 259 -21.38 11.82 -5.59
N LYS A 260 -21.74 11.22 -6.76
CA LYS A 260 -21.86 11.94 -8.05
C LYS A 260 -22.95 13.00 -7.97
N GLN A 261 -24.11 12.66 -7.34
CA GLN A 261 -25.26 13.54 -7.11
C GLN A 261 -24.89 14.74 -6.23
N GLN A 262 -23.98 14.52 -5.25
CA GLN A 262 -23.51 15.55 -4.31
C GLN A 262 -22.34 16.39 -4.89
N GLY A 263 -21.83 16.00 -6.07
CA GLY A 263 -20.71 16.65 -6.76
C GLY A 263 -19.37 16.36 -6.11
N LEU A 264 -19.23 15.18 -5.47
CA LEU A 264 -18.00 14.81 -4.76
C LEU A 264 -17.11 13.86 -5.56
N LEU A 265 -17.69 13.11 -6.52
CA LEU A 265 -16.97 12.14 -7.32
C LEU A 265 -16.21 12.84 -8.46
N LEU A 266 -14.87 13.00 -8.30
CA LEU A 266 -13.98 13.65 -9.28
C LEU A 266 -13.49 12.64 -10.30
N TYR A 267 -13.29 11.39 -9.86
CA TYR A 267 -12.88 10.27 -10.70
C TYR A 267 -13.43 8.98 -10.13
N CYS A 268 -13.88 8.06 -11.01
CA CYS A 268 -14.39 6.74 -10.61
C CYS A 268 -14.11 5.70 -11.67
N ASP A 269 -13.62 4.55 -11.18
CA ASP A 269 -13.37 3.36 -11.98
C ASP A 269 -13.78 2.15 -11.12
N ILE A 270 -14.94 1.49 -11.44
CA ILE A 270 -15.42 0.32 -10.71
C ILE A 270 -15.06 -0.95 -11.48
N LEU A 271 -14.28 -1.84 -10.84
CA LEU A 271 -13.89 -3.13 -11.38
C LEU A 271 -14.79 -4.20 -10.79
N GLU A 272 -15.61 -4.85 -11.63
CA GLU A 272 -16.51 -5.92 -11.22
C GLU A 272 -15.73 -7.16 -10.80
N SER A 273 -16.33 -7.96 -9.93
CA SER A 273 -15.71 -9.17 -9.38
C SER A 273 -15.41 -10.25 -10.45
N THR A 274 -14.23 -10.87 -10.30
CA THR A 274 -13.73 -11.99 -11.13
C THR A 274 -13.41 -13.13 -10.15
N PHE A 275 -13.97 -13.01 -8.93
CA PHE A 275 -13.77 -13.94 -7.86
C PHE A 275 -14.62 -15.19 -8.08
N GLU A 276 -13.94 -16.32 -7.99
CA GLU A 276 -14.46 -17.67 -8.10
C GLU A 276 -14.06 -18.41 -6.81
N LYS A 277 -15.08 -18.81 -6.03
CA LYS A 277 -14.99 -19.49 -4.73
C LYS A 277 -14.08 -20.75 -4.66
N PHE A 278 -13.84 -21.50 -5.79
CA PHE A 278 -13.12 -22.77 -5.65
C PHE A 278 -11.76 -22.84 -6.34
N LYS A 279 -11.34 -21.76 -7.00
CA LYS A 279 -10.00 -21.67 -7.61
C LYS A 279 -8.92 -21.62 -6.49
N GLN A 280 -7.74 -22.24 -6.75
CA GLN A 280 -6.61 -22.22 -5.81
C GLN A 280 -6.04 -20.79 -5.70
N PRO A 281 -5.57 -20.36 -4.49
CA PRO A 281 -5.01 -19.01 -4.33
C PRO A 281 -3.84 -18.60 -5.26
N SER A 282 -3.29 -19.55 -6.08
CA SER A 282 -2.18 -19.32 -7.03
C SER A 282 -2.43 -18.14 -8.00
N ALA A 287 -0.83 -10.28 -8.43
CA ALA A 287 -0.94 -8.89 -7.99
C ALA A 287 -2.34 -8.59 -7.43
N LEU A 288 -3.18 -7.78 -8.15
CA LEU A 288 -4.54 -7.40 -7.73
C LEU A 288 -5.47 -8.59 -7.49
N ASP A 289 -6.25 -8.53 -6.39
CA ASP A 289 -7.22 -9.55 -6.04
C ASP A 289 -8.46 -9.43 -6.95
N HIS A 290 -9.35 -10.42 -6.91
CA HIS A 290 -10.50 -10.51 -7.79
C HIS A 290 -11.82 -9.97 -7.22
N PHE A 291 -11.80 -9.26 -6.10
CA PHE A 291 -13.04 -8.73 -5.51
C PHE A 291 -13.51 -7.51 -6.27
N GLN A 292 -14.82 -7.15 -6.11
CA GLN A 292 -15.37 -5.94 -6.71
C GLN A 292 -14.70 -4.76 -5.97
N LYS A 293 -14.19 -3.81 -6.73
CA LYS A 293 -13.49 -2.67 -6.13
C LYS A 293 -13.61 -1.44 -6.98
N CYS A 294 -13.29 -0.27 -6.39
CA CYS A 294 -13.29 0.97 -7.12
C CYS A 294 -12.19 1.88 -6.66
N PHE A 295 -11.58 2.54 -7.65
CA PHE A 295 -10.51 3.51 -7.49
C PHE A 295 -11.12 4.86 -7.75
N LEU A 296 -11.15 5.70 -6.72
CA LEU A 296 -11.81 7.00 -6.77
C LEU A 296 -10.92 8.14 -6.40
N ILE A 297 -11.34 9.32 -6.82
CA ILE A 297 -10.81 10.62 -6.42
C ILE A 297 -12.06 11.35 -5.89
N LEU A 298 -12.06 11.66 -4.60
CA LEU A 298 -13.16 12.33 -3.95
C LEU A 298 -12.81 13.77 -3.69
N LYS A 299 -13.83 14.63 -3.77
CA LYS A 299 -13.70 16.04 -3.42
C LYS A 299 -13.99 16.13 -1.94
N LEU A 300 -12.93 16.33 -1.12
CA LEU A 300 -13.08 16.37 0.32
C LEU A 300 -13.06 17.82 0.76
N ASP A 301 -14.23 18.29 1.20
CA ASP A 301 -14.48 19.62 1.72
C ASP A 301 -13.72 19.77 3.01
N HIS A 302 -12.90 20.81 3.11
CA HIS A 302 -12.11 21.16 4.29
C HIS A 302 -12.93 21.32 5.55
N GLY A 303 -14.20 21.70 5.38
CA GLY A 303 -15.16 21.88 6.47
C GLY A 303 -15.49 20.60 7.20
N ARG A 304 -15.29 19.45 6.53
CA ARG A 304 -15.51 18.11 7.07
C ARG A 304 -14.31 17.58 7.87
N VAL A 305 -13.17 18.27 7.80
CA VAL A 305 -11.91 17.89 8.44
C VAL A 305 -11.75 18.59 9.79
N HIS A 306 -11.52 17.80 10.85
CA HIS A 306 -11.28 18.31 12.21
C HIS A 306 -9.77 18.30 12.40
N SER A 307 -9.10 19.34 11.86
CA SER A 307 -7.64 19.46 11.72
C SER A 307 -6.87 19.86 12.97
N GLU A 308 -7.52 20.55 13.94
CA GLU A 308 -6.90 21.07 15.18
C GLU A 308 -5.79 22.11 14.84
N LYS A 309 -5.29 22.05 13.60
CA LYS A 309 -4.30 22.94 13.00
C LYS A 309 -4.95 24.30 12.74
N SER A 310 -4.26 25.35 13.18
CA SER A 310 -4.64 26.75 12.99
C SER A 310 -3.55 27.41 12.11
N GLY A 311 -3.79 28.65 11.69
CA GLY A 311 -2.83 29.40 10.87
C GLY A 311 -2.77 28.97 9.41
N GLN A 312 -3.48 27.89 9.06
CA GLN A 312 -3.55 27.35 7.69
C GLN A 312 -4.41 28.26 6.83
N GLN A 313 -4.14 28.25 5.51
CA GLN A 313 -4.84 28.99 4.46
C GLN A 313 -5.79 28.02 3.77
N GLU A 314 -7.08 28.40 3.66
CA GLU A 314 -8.11 27.51 3.11
C GLU A 314 -8.02 27.28 1.59
N GLY A 315 -7.53 28.28 0.84
CA GLY A 315 -7.43 28.25 -0.61
C GLY A 315 -8.80 27.99 -1.24
N LYS A 316 -8.89 26.96 -2.09
CA LYS A 316 -10.13 26.55 -2.76
C LYS A 316 -11.18 25.90 -1.83
N GLY A 317 -10.81 25.60 -0.59
CA GLY A 317 -11.73 25.05 0.41
C GLY A 317 -12.00 23.55 0.36
N TRP A 318 -11.28 22.84 -0.53
CA TRP A 318 -11.39 21.39 -0.71
C TRP A 318 -10.05 20.79 -1.16
N LYS A 319 -9.91 19.46 -1.01
CA LYS A 319 -8.73 18.72 -1.42
C LYS A 319 -9.15 17.43 -2.13
N ALA A 320 -8.47 17.11 -3.28
CA ALA A 320 -8.69 15.87 -4.02
C ALA A 320 -7.99 14.73 -3.26
N ILE A 321 -8.76 13.68 -2.89
CA ILE A 321 -8.27 12.52 -2.13
C ILE A 321 -8.55 11.25 -2.89
N ARG A 322 -7.48 10.46 -3.09
CA ARG A 322 -7.56 9.12 -3.70
C ARG A 322 -8.17 8.17 -2.65
N VAL A 323 -9.26 7.45 -3.02
CA VAL A 323 -9.96 6.54 -2.13
C VAL A 323 -10.16 5.22 -2.84
N ASP A 324 -9.86 4.12 -2.13
CA ASP A 324 -10.04 2.76 -2.65
C ASP A 324 -11.05 2.00 -1.81
N LEU A 325 -12.10 1.47 -2.47
CA LEU A 325 -13.13 0.70 -1.78
C LEU A 325 -13.14 -0.71 -2.30
N VAL A 326 -13.23 -1.70 -1.38
CA VAL A 326 -13.28 -3.12 -1.72
C VAL A 326 -14.52 -3.74 -1.09
N MET A 327 -15.34 -4.45 -1.90
CA MET A 327 -16.53 -5.21 -1.47
C MET A 327 -16.17 -6.67 -1.54
N CYS A 328 -16.36 -7.40 -0.44
CA CYS A 328 -16.07 -8.83 -0.51
C CYS A 328 -17.23 -9.64 0.09
N PRO A 329 -17.40 -10.92 -0.32
CA PRO A 329 -18.39 -11.78 0.34
C PRO A 329 -18.00 -11.90 1.82
N TYR A 330 -19.00 -11.97 2.70
CA TYR A 330 -18.83 -11.99 4.17
C TYR A 330 -17.84 -13.06 4.68
N ASP A 331 -17.84 -14.25 4.10
CA ASP A 331 -16.97 -15.34 4.56
C ASP A 331 -15.47 -15.14 4.23
N ARG A 332 -15.16 -14.22 3.30
CA ARG A 332 -13.77 -14.00 2.89
C ARG A 332 -13.22 -12.72 3.54
N ARG A 333 -14.01 -12.05 4.42
CA ARG A 333 -13.69 -10.78 5.08
C ARG A 333 -12.34 -10.76 5.82
N ALA A 334 -11.93 -11.87 6.48
CA ALA A 334 -10.66 -11.93 7.21
C ALA A 334 -9.44 -11.90 6.28
N PHE A 335 -9.49 -12.66 5.16
CA PHE A 335 -8.41 -12.75 4.16
C PHE A 335 -8.21 -11.43 3.44
N ALA A 336 -9.32 -10.78 3.08
CA ALA A 336 -9.32 -9.48 2.41
C ALA A 336 -8.75 -8.44 3.35
N LEU A 337 -9.15 -8.46 4.66
CA LEU A 337 -8.67 -7.51 5.68
C LEU A 337 -7.16 -7.64 5.86
N LEU A 338 -6.66 -8.90 5.93
CA LEU A 338 -5.24 -9.21 6.05
C LEU A 338 -4.47 -8.70 4.85
N GLY A 339 -5.00 -8.92 3.65
CA GLY A 339 -4.41 -8.51 2.38
C GLY A 339 -4.35 -7.00 2.21
N TRP A 340 -5.45 -6.33 2.50
CA TRP A 340 -5.53 -4.90 2.35
C TRP A 340 -4.96 -4.08 3.54
N THR A 341 -4.56 -4.74 4.68
CA THR A 341 -3.95 -4.00 5.82
C THR A 341 -2.48 -3.77 5.54
N GLY A 342 -1.84 -4.71 4.87
CA GLY A 342 -0.42 -4.62 4.58
C GLY A 342 0.45 -4.81 5.81
N SER A 343 1.71 -4.31 5.79
CA SER A 343 2.35 -3.57 4.68
C SER A 343 2.64 -4.50 3.51
N ARG A 344 3.08 -3.95 2.37
CA ARG A 344 3.36 -4.73 1.18
C ARG A 344 4.39 -5.84 1.48
N GLN A 345 5.46 -5.52 2.25
CA GLN A 345 6.50 -6.49 2.62
C GLN A 345 5.95 -7.54 3.58
N PHE A 346 5.11 -7.14 4.54
CA PHE A 346 4.46 -8.06 5.47
C PHE A 346 3.61 -9.11 4.68
N GLU A 347 2.83 -8.65 3.66
CA GLU A 347 2.01 -9.46 2.76
C GLU A 347 2.88 -10.45 1.97
N ARG A 348 3.99 -9.96 1.41
CA ARG A 348 4.95 -10.75 0.65
C ARG A 348 5.54 -11.91 1.44
N ASP A 349 5.96 -11.62 2.68
CA ASP A 349 6.60 -12.62 3.55
C ASP A 349 5.59 -13.60 4.09
N LEU A 350 4.32 -13.17 4.32
CA LEU A 350 3.18 -14.00 4.76
C LEU A 350 2.97 -15.11 3.77
N ARG A 351 2.92 -14.76 2.45
CA ARG A 351 2.70 -15.69 1.33
C ARG A 351 3.91 -16.63 1.11
N ARG A 352 5.12 -16.08 1.26
CA ARG A 352 6.39 -16.81 1.13
C ARG A 352 6.52 -17.83 2.28
N TYR A 353 6.18 -17.39 3.50
CA TYR A 353 6.19 -18.24 4.68
C TYR A 353 5.19 -19.38 4.50
N ALA A 354 3.95 -19.06 4.09
CA ALA A 354 2.91 -20.04 3.86
C ALA A 354 3.37 -21.14 2.88
N THR A 355 4.02 -20.73 1.77
CA THR A 355 4.50 -21.64 0.72
C THR A 355 5.69 -22.48 1.21
N HIS A 356 6.80 -21.84 1.61
CA HIS A 356 8.03 -22.53 1.97
C HIS A 356 8.05 -23.17 3.37
N GLU A 357 7.31 -22.67 4.34
CA GLU A 357 7.34 -23.24 5.69
C GLU A 357 6.14 -24.12 6.04
N ARG A 358 4.97 -23.88 5.41
CA ARG A 358 3.76 -24.60 5.77
C ARG A 358 3.13 -25.39 4.65
N LYS A 359 3.66 -25.27 3.40
CA LYS A 359 3.11 -25.93 2.19
C LYS A 359 1.61 -25.53 2.04
N MET A 360 1.36 -24.23 2.25
CA MET A 360 0.05 -23.60 2.16
C MET A 360 0.08 -22.53 1.07
N MET A 361 -1.09 -22.21 0.51
CA MET A 361 -1.21 -21.20 -0.55
C MET A 361 -2.13 -20.12 -0.03
N LEU A 362 -1.60 -18.90 0.13
CA LEU A 362 -2.36 -17.79 0.69
C LEU A 362 -2.43 -16.60 -0.28
N ASP A 363 -3.61 -15.96 -0.34
CA ASP A 363 -3.88 -14.73 -1.07
C ASP A 363 -5.00 -13.94 -0.34
N ASN A 364 -5.61 -12.92 -0.99
CA ASN A 364 -6.63 -12.06 -0.40
C ASN A 364 -7.99 -12.70 -0.27
N HIS A 365 -8.19 -13.88 -0.86
CA HIS A 365 -9.49 -14.55 -0.88
C HIS A 365 -9.54 -15.82 -0.04
N ALA A 366 -8.40 -16.53 0.10
CA ALA A 366 -8.39 -17.80 0.81
C ALA A 366 -7.01 -18.27 1.24
N LEU A 367 -7.01 -19.37 2.01
CA LEU A 367 -5.84 -20.09 2.49
C LEU A 367 -6.05 -21.57 2.19
N TYR A 368 -5.18 -22.18 1.38
CA TYR A 368 -5.31 -23.59 1.00
C TYR A 368 -4.16 -24.43 1.55
N ASP A 369 -4.50 -25.54 2.24
CA ASP A 369 -3.54 -26.49 2.82
C ASP A 369 -3.30 -27.63 1.82
N ARG A 370 -2.12 -27.64 1.17
CA ARG A 370 -1.76 -28.64 0.15
C ARG A 370 -1.58 -30.06 0.70
N THR A 371 -1.27 -30.20 2.00
CA THR A 371 -1.07 -31.51 2.65
C THR A 371 -2.43 -32.14 2.97
N LYS A 372 -3.33 -31.39 3.64
CA LYS A 372 -4.66 -31.83 4.05
C LYS A 372 -5.64 -31.73 2.88
N ARG A 373 -5.23 -31.07 1.77
CA ARG A 373 -6.02 -30.90 0.55
C ARG A 373 -7.37 -30.24 0.89
N VAL A 374 -7.31 -29.18 1.71
CA VAL A 374 -8.50 -28.50 2.21
C VAL A 374 -8.28 -26.97 2.32
N PHE A 375 -9.33 -26.17 2.01
CA PHE A 375 -9.33 -24.72 2.19
C PHE A 375 -9.61 -24.44 3.65
N LEU A 376 -8.83 -23.54 4.27
CA LEU A 376 -8.96 -23.23 5.69
C LEU A 376 -9.80 -21.97 5.88
N GLU A 377 -10.83 -22.05 6.74
CA GLU A 377 -11.79 -20.96 6.96
C GLU A 377 -11.40 -20.10 8.17
N ALA A 378 -11.69 -18.79 8.11
CA ALA A 378 -11.37 -17.88 9.20
C ALA A 378 -12.41 -16.74 9.35
N GLU A 379 -12.80 -16.42 10.59
CA GLU A 379 -13.73 -15.33 10.90
C GLU A 379 -12.98 -14.06 11.34
N SER A 380 -11.65 -14.19 11.56
CA SER A 380 -10.76 -13.12 11.99
C SER A 380 -9.32 -13.33 11.48
N GLU A 381 -8.48 -12.26 11.54
CA GLU A 381 -7.06 -12.32 11.17
C GLU A 381 -6.31 -13.29 12.10
N GLU A 382 -6.68 -13.29 13.40
CA GLU A 382 -6.16 -14.16 14.47
C GLU A 382 -6.26 -15.64 14.05
N GLU A 383 -7.41 -16.06 13.48
CA GLU A 383 -7.60 -17.43 12.99
C GLU A 383 -6.68 -17.77 11.81
N ILE A 384 -6.36 -16.78 10.93
CA ILE A 384 -5.43 -17.00 9.81
C ILE A 384 -4.01 -17.25 10.36
N PHE A 385 -3.53 -16.37 11.29
CA PHE A 385 -2.23 -16.53 11.95
C PHE A 385 -2.11 -17.89 12.63
N ALA A 386 -3.18 -18.33 13.32
CA ALA A 386 -3.26 -19.62 14.00
C ALA A 386 -3.14 -20.80 13.01
N HIS A 387 -3.83 -20.72 11.85
CA HIS A 387 -3.78 -21.74 10.78
C HIS A 387 -2.36 -21.86 10.24
N LEU A 388 -1.65 -20.73 10.18
CA LEU A 388 -0.29 -20.63 9.67
C LEU A 388 0.76 -20.96 10.72
N GLY A 389 0.34 -21.15 11.99
CA GLY A 389 1.24 -21.44 13.09
C GLY A 389 2.14 -20.26 13.45
N LEU A 390 1.63 -19.02 13.24
CA LEU A 390 2.31 -17.76 13.54
C LEU A 390 1.75 -17.07 14.76
N ASP A 391 2.63 -16.43 15.56
CA ASP A 391 2.17 -15.64 16.71
C ASP A 391 1.46 -14.44 16.13
N TYR A 392 0.33 -14.03 16.70
CA TYR A 392 -0.45 -12.94 16.16
C TYR A 392 0.33 -11.63 16.23
N ILE A 393 0.38 -10.94 15.08
CA ILE A 393 1.01 -9.65 14.89
C ILE A 393 -0.12 -8.67 14.68
N GLU A 394 -0.21 -7.69 15.57
CA GLU A 394 -1.21 -6.62 15.56
C GLU A 394 -1.03 -5.71 14.36
N PRO A 395 -2.10 -5.08 13.80
CA PRO A 395 -1.93 -4.22 12.60
C PRO A 395 -0.82 -3.15 12.72
N TRP A 396 -0.64 -2.49 13.88
CA TRP A 396 0.42 -1.47 14.08
C TRP A 396 1.86 -2.06 14.21
N GLU A 397 1.97 -3.41 14.24
CA GLU A 397 3.24 -4.14 14.30
C GLU A 397 3.58 -4.76 12.91
N ARG A 398 2.77 -4.44 11.88
CA ARG A 398 2.94 -4.97 10.52
C ARG A 398 3.60 -3.96 9.59
N ASN A 399 4.30 -2.94 10.15
CA ASN A 399 4.91 -1.88 9.36
C ASN A 399 6.30 -2.29 8.80
N ALA A 400 6.38 -3.50 8.24
CA ALA A 400 7.58 -4.08 7.64
C ALA A 400 7.95 -3.34 6.35
#